data_8RRK
#
_entry.id   8RRK
#
_cell.length_a   138.250
_cell.length_b   54.880
_cell.length_c   82.120
_cell.angle_alpha   90.00
_cell.angle_beta   101.27
_cell.angle_gamma   90.00
#
_symmetry.space_group_name_H-M   'C 1 2 1'
#
loop_
_entity.id
_entity.type
_entity.pdbx_description
1 polymer '14-3-3 protein sigma'
2 polymer 'phosphopeptide designed according to the 14-3-3 binding consensus'
3 non-polymer 'CHLORIDE ION'
4 non-polymer GLYCEROL
5 non-polymer 'SULFATE ION'
6 water water
#
loop_
_entity_poly.entity_id
_entity_poly.type
_entity_poly.pdbx_seq_one_letter_code
_entity_poly.pdbx_strand_id
1 'polypeptide(L)'
;GAMAMERASLIQKAKLAEQAERYEDMAAFMKGAVEKGEELSCEERNLLSVAYKNVVGGQRAAWRVLSSIEQKSNEEGSEE
KGPEVREYREKVETELQGVCDTVLGLLDSHLIKEAGDAESRVFYLKMKGDYYRYLAEVATGDDKKRIIDSARSAYQEAMD
ISKKEMPPTNPIRLGLALNFSVFHYEIANSPEEAISLAKTTFDEAMADLHTLSEDSYKDSTLIMQLLRDNLTLWTADNAG
EEGGEAPQEPQS
;
A,B
2 'polypeptide(L)' MRKAS(SEP)APAL C,D
#
# COMPACT_ATOMS: atom_id res chain seq x y z
N GLY A 1 -14.57 31.65 8.09
CA GLY A 1 -13.31 32.44 8.15
C GLY A 1 -12.13 31.57 7.69
N ALA A 2 -10.92 31.99 8.05
CA ALA A 2 -9.71 31.29 7.67
C ALA A 2 -9.74 29.83 8.13
N MET A 3 -10.09 29.61 9.39
CA MET A 3 -10.11 28.25 9.91
C MET A 3 -11.03 27.37 9.09
N ALA A 4 -12.24 27.87 8.81
CA ALA A 4 -13.19 27.04 8.07
C ALA A 4 -12.65 26.68 6.69
N MET A 5 -12.07 27.66 5.99
CA MET A 5 -11.57 27.42 4.63
C MET A 5 -10.43 26.41 4.66
N GLU A 6 -9.50 26.60 5.61
CA GLU A 6 -8.37 25.70 5.74
C GLU A 6 -8.83 24.29 6.06
N ARG A 7 -9.76 24.17 7.00
CA ARG A 7 -10.27 22.85 7.34
C ARG A 7 -10.92 22.19 6.16
N ALA A 8 -11.71 22.95 5.41
CA ALA A 8 -12.40 22.37 4.26
C ALA A 8 -11.42 21.90 3.21
N SER A 9 -10.29 22.61 3.05
CA SER A 9 -9.28 22.21 2.09
C SER A 9 -8.61 20.92 2.51
N LEU A 10 -8.34 20.76 3.81
CA LEU A 10 -7.70 19.55 4.28
C LEU A 10 -8.64 18.34 4.16
N ILE A 11 -9.91 18.54 4.46
CA ILE A 11 -10.88 17.46 4.25
C ILE A 11 -10.91 17.07 2.78
N GLN A 12 -10.90 18.07 1.89
CA GLN A 12 -10.96 17.77 0.46
C GLN A 12 -9.71 17.01 0.04
N LYS A 13 -8.54 17.42 0.54
CA LYS A 13 -7.31 16.70 0.23
C LYS A 13 -7.31 15.30 0.83
N ALA A 14 -7.90 15.14 2.02
CA ALA A 14 -8.04 13.79 2.58
C ALA A 14 -8.87 12.89 1.66
N LYS A 15 -9.98 13.42 1.14
CA LYS A 15 -10.81 12.67 0.20
C LYS A 15 -10.05 12.37 -1.09
N LEU A 16 -9.27 13.33 -1.58
CA LEU A 16 -8.45 13.10 -2.76
C LEU A 16 -7.43 12.00 -2.49
N ALA A 17 -6.73 12.11 -1.35
CA ALA A 17 -5.79 11.06 -0.98
C ALA A 17 -6.50 9.71 -0.89
N GLU A 18 -7.71 9.69 -0.30
CA GLU A 18 -8.46 8.44 -0.26
C GLU A 18 -8.62 7.84 -1.65
N GLN A 19 -9.07 8.64 -2.63
CA GLN A 19 -9.32 8.12 -3.97
C GLN A 19 -8.03 7.67 -4.64
N ALA A 20 -6.92 8.33 -4.34
CA ALA A 20 -5.62 7.93 -4.86
C ALA A 20 -5.01 6.79 -4.07
N GLU A 21 -5.73 6.28 -3.05
CA GLU A 21 -5.21 5.25 -2.16
C GLU A 21 -3.86 5.65 -1.57
N ARG A 22 -3.73 6.94 -1.23
CA ARG A 22 -2.58 7.48 -0.53
C ARG A 22 -2.93 7.69 0.94
N TYR A 23 -2.91 6.61 1.72
CA TYR A 23 -3.50 6.65 3.06
C TYR A 23 -2.63 7.39 4.06
N GLU A 24 -1.31 7.30 3.96
CA GLU A 24 -0.47 8.13 4.83
C GLU A 24 -0.77 9.61 4.59
N ASP A 25 -0.83 10.03 3.34
CA ASP A 25 -1.23 11.40 3.03
C ASP A 25 -2.60 11.71 3.62
N MET A 26 -3.57 10.80 3.42
CA MET A 26 -4.90 11.00 3.92
C MET A 26 -4.89 11.19 5.42
N ALA A 27 -4.12 10.37 6.13
CA ALA A 27 -4.07 10.49 7.58
C ALA A 27 -3.52 11.84 8.00
N ALA A 28 -2.46 12.28 7.36
CA ALA A 28 -1.89 13.59 7.70
C ALA A 28 -2.87 14.72 7.42
N PHE A 29 -3.64 14.61 6.33
CA PHE A 29 -4.64 15.63 6.03
C PHE A 29 -5.73 15.64 7.10
N MET A 30 -6.20 14.46 7.49
CA MET A 30 -7.24 14.40 8.52
C MET A 30 -6.69 14.87 9.86
N LYS A 31 -5.43 14.57 10.15
CA LYS A 31 -4.83 15.08 11.36
C LYS A 31 -4.83 16.60 11.36
N GLY A 32 -4.45 17.20 10.24
CA GLY A 32 -4.49 18.66 10.16
C GLY A 32 -5.89 19.20 10.34
N ALA A 33 -6.89 18.52 9.77
CA ALA A 33 -8.25 18.97 9.89
C ALA A 33 -8.72 18.90 11.34
N VAL A 34 -8.40 17.80 12.03
CA VAL A 34 -8.69 17.69 13.45
C VAL A 34 -8.09 18.85 14.21
N GLU A 35 -6.83 19.17 13.90
CA GLU A 35 -6.13 20.21 14.66
C GLU A 35 -6.68 21.60 14.40
N LYS A 36 -7.61 21.74 13.45
CA LYS A 36 -8.34 23.00 13.32
C LYS A 36 -9.27 23.25 14.50
N GLY A 37 -9.56 22.24 15.31
CA GLY A 37 -10.22 22.41 16.58
C GLY A 37 -11.71 22.16 16.59
N GLU A 38 -12.31 21.83 15.46
CA GLU A 38 -13.74 21.59 15.41
C GLU A 38 -14.02 20.09 15.50
N GLU A 39 -15.19 19.77 16.04
CA GLU A 39 -15.65 18.39 16.05
C GLU A 39 -15.66 17.82 14.65
N LEU A 40 -15.55 16.50 14.56
CA LEU A 40 -15.67 15.77 13.31
C LEU A 40 -17.09 15.24 13.18
N SER A 41 -17.67 15.40 11.99
CA SER A 41 -18.92 14.74 11.68
C SER A 41 -18.70 13.23 11.60
N CYS A 42 -19.81 12.48 11.51
CA CYS A 42 -19.69 11.03 11.34
CA CYS A 42 -19.69 11.03 11.34
C CYS A 42 -18.83 10.70 10.12
N GLU A 43 -19.13 11.33 8.99
CA GLU A 43 -18.35 11.09 7.78
C GLU A 43 -16.87 11.38 8.01
N GLU A 44 -16.56 12.50 8.66
CA GLU A 44 -15.16 12.85 8.88
C GLU A 44 -14.49 11.89 9.86
N ARG A 45 -15.20 11.48 10.91
CA ARG A 45 -14.65 10.48 11.83
CA ARG A 45 -14.64 10.48 11.83
C ARG A 45 -14.24 9.23 11.06
N ASN A 46 -15.07 8.81 10.12
CA ASN A 46 -14.78 7.62 9.33
C ASN A 46 -13.60 7.86 8.41
N LEU A 47 -13.46 9.09 7.88
CA LEU A 47 -12.30 9.38 7.04
C LEU A 47 -11.02 9.30 7.88
N LEU A 48 -11.05 9.86 9.08
CA LEU A 48 -9.93 9.73 9.99
C LEU A 48 -9.62 8.27 10.28
N SER A 49 -10.66 7.50 10.60
CA SER A 49 -10.43 6.10 10.96
C SER A 49 -9.86 5.33 9.78
N VAL A 50 -10.48 5.49 8.61
CA VAL A 50 -10.04 4.78 7.42
C VAL A 50 -8.57 5.03 7.15
N ALA A 51 -8.17 6.30 7.18
CA ALA A 51 -6.80 6.67 6.87
C ALA A 51 -5.82 5.97 7.79
N TYR A 52 -5.98 6.16 9.09
CA TYR A 52 -5.00 5.59 10.01
C TYR A 52 -5.11 4.08 10.09
N LYS A 53 -6.30 3.53 9.90
CA LYS A 53 -6.41 2.06 9.97
C LYS A 53 -5.71 1.43 8.76
N ASN A 54 -5.79 2.09 7.61
CA ASN A 54 -5.05 1.62 6.45
C ASN A 54 -3.55 1.68 6.67
N VAL A 55 -3.07 2.78 7.26
CA VAL A 55 -1.65 2.92 7.52
C VAL A 55 -1.18 1.82 8.48
N VAL A 56 -1.81 1.76 9.66
N VAL A 56 -1.80 1.76 9.66
CA VAL A 56 -1.37 0.81 10.66
CA VAL A 56 -1.34 0.79 10.65
C VAL A 56 -1.70 -0.60 10.23
C VAL A 56 -1.69 -0.62 10.21
N GLY A 57 -2.80 -0.78 9.48
CA GLY A 57 -3.14 -2.10 9.00
C GLY A 57 -2.07 -2.67 8.08
N GLY A 58 -1.48 -1.81 7.24
CA GLY A 58 -0.39 -2.27 6.40
C GLY A 58 0.84 -2.61 7.20
N GLN A 59 1.11 -1.85 8.25
CA GLN A 59 2.25 -2.15 9.12
C GLN A 59 2.00 -3.42 9.93
N ARG A 60 0.80 -3.58 10.47
CA ARG A 60 0.48 -4.80 11.20
C ARG A 60 0.70 -6.01 10.33
N ALA A 61 0.21 -5.97 9.10
CA ALA A 61 0.33 -7.13 8.20
C ALA A 61 1.79 -7.40 7.88
N ALA A 62 2.57 -6.35 7.67
CA ALA A 62 3.99 -6.52 7.42
C ALA A 62 4.69 -7.11 8.64
N TRP A 63 4.33 -6.64 9.82
CA TRP A 63 4.93 -7.12 11.06
C TRP A 63 4.62 -8.59 11.27
N ARG A 64 3.42 -9.02 10.89
CA ARG A 64 3.06 -10.42 11.08
C ARG A 64 3.78 -11.31 10.06
N VAL A 65 3.94 -10.82 8.84
CA VAL A 65 4.73 -11.58 7.86
C VAL A 65 6.14 -11.77 8.38
N LEU A 66 6.76 -10.69 8.86
CA LEU A 66 8.14 -10.79 9.32
C LEU A 66 8.28 -11.66 10.57
N SER A 67 7.29 -11.62 11.48
CA SER A 67 7.35 -12.51 12.64
C SER A 67 7.22 -13.96 12.21
N SER A 68 6.35 -14.25 11.23
CA SER A 68 6.22 -15.62 10.75
C SER A 68 7.52 -16.09 10.11
N ILE A 69 8.07 -15.29 9.20
CA ILE A 69 9.38 -15.59 8.64
C ILE A 69 10.40 -15.79 9.74
N GLU A 70 10.38 -14.90 10.74
CA GLU A 70 11.36 -14.96 11.82
C GLU A 70 11.30 -16.30 12.53
N GLN A 71 10.09 -16.75 12.85
CA GLN A 71 9.93 -18.05 13.50
C GLN A 71 10.65 -19.15 12.73
N LYS A 72 10.29 -19.33 11.46
CA LYS A 72 10.82 -20.44 10.67
C LYS A 72 12.30 -20.23 10.33
N SER A 73 12.70 -18.98 10.06
CA SER A 73 14.12 -18.71 9.82
C SER A 73 14.93 -18.96 11.09
N ASN A 74 14.42 -18.53 12.24
CA ASN A 74 15.11 -18.75 13.50
C ASN A 74 15.02 -20.19 13.98
N GLU A 75 14.23 -21.04 13.32
CA GLU A 75 14.20 -22.46 13.64
C GLU A 75 15.57 -23.09 13.36
N LYS A 81 19.47 -16.82 9.49
CA LYS A 81 20.32 -17.08 10.65
C LYS A 81 20.95 -15.80 11.18
N GLY A 82 20.82 -14.72 10.43
CA GLY A 82 21.39 -13.44 10.81
C GLY A 82 20.43 -12.60 11.61
N PRO A 83 20.89 -11.42 12.05
CA PRO A 83 20.01 -10.50 12.77
C PRO A 83 19.12 -9.65 11.88
N GLU A 84 19.13 -9.89 10.56
CA GLU A 84 18.44 -9.00 9.64
CA GLU A 84 18.44 -9.00 9.64
C GLU A 84 16.93 -9.03 9.86
N VAL A 85 16.36 -10.23 10.02
CA VAL A 85 14.92 -10.31 10.21
C VAL A 85 14.51 -9.54 11.46
N ARG A 86 15.25 -9.73 12.56
CA ARG A 86 14.94 -8.98 13.78
C ARG A 86 15.03 -7.49 13.54
N GLU A 87 16.18 -7.03 13.03
CA GLU A 87 16.37 -5.60 12.82
C GLU A 87 15.23 -5.02 11.99
N TYR A 88 14.87 -5.69 10.90
CA TYR A 88 13.86 -5.13 10.01
C TYR A 88 12.46 -5.25 10.60
N ARG A 89 12.19 -6.31 11.38
CA ARG A 89 10.93 -6.37 12.09
C ARG A 89 10.85 -5.25 13.11
N GLU A 90 11.95 -4.98 13.80
CA GLU A 90 12.00 -3.88 14.75
C GLU A 90 11.88 -2.53 14.05
N LYS A 91 12.30 -2.43 12.80
CA LYS A 91 12.11 -1.19 12.06
C LYS A 91 10.64 -0.97 11.78
N VAL A 92 9.95 -2.04 11.35
CA VAL A 92 8.51 -1.94 11.13
C VAL A 92 7.79 -1.67 12.43
N GLU A 93 8.21 -2.32 13.52
CA GLU A 93 7.61 -2.06 14.84
C GLU A 93 7.66 -0.59 15.20
N THR A 94 8.86 -0.01 15.10
CA THR A 94 9.03 1.40 15.49
C THR A 94 8.11 2.30 14.68
N GLU A 95 8.00 2.04 13.39
CA GLU A 95 7.11 2.82 12.54
CA GLU A 95 7.12 2.84 12.57
C GLU A 95 5.67 2.66 12.99
N LEU A 96 5.25 1.41 13.24
CA LEU A 96 3.88 1.17 13.67
C LEU A 96 3.61 1.84 15.00
N GLN A 97 4.58 1.77 15.91
CA GLN A 97 4.38 2.41 17.21
C GLN A 97 4.25 3.91 17.07
N GLY A 98 4.99 4.50 16.13
CA GLY A 98 4.90 5.94 15.93
C GLY A 98 3.55 6.38 15.40
N VAL A 99 2.97 5.59 14.50
CA VAL A 99 1.66 5.96 13.96
C VAL A 99 0.60 5.87 15.06
N CYS A 100 0.60 4.77 15.83
CA CYS A 100 -0.33 4.64 16.93
C CYS A 100 -0.18 5.75 17.93
N ASP A 101 1.08 6.10 18.25
CA ASP A 101 1.33 7.20 19.15
C ASP A 101 0.70 8.48 18.65
N THR A 102 0.81 8.73 17.35
CA THR A 102 0.22 9.93 16.76
C THR A 102 -1.29 9.90 16.88
N VAL A 103 -1.91 8.75 16.60
CA VAL A 103 -3.36 8.65 16.70
C VAL A 103 -3.81 8.83 18.14
N LEU A 104 -3.12 8.16 19.06
CA LEU A 104 -3.53 8.25 20.46
C LEU A 104 -3.40 9.68 20.96
N GLY A 105 -2.35 10.39 20.53
CA GLY A 105 -2.18 11.78 20.94
C GLY A 105 -3.31 12.65 20.42
N LEU A 106 -3.69 12.44 19.17
CA LEU A 106 -4.77 13.19 18.55
C LEU A 106 -6.09 12.92 19.28
N LEU A 107 -6.34 11.65 19.59
CA LEU A 107 -7.55 11.32 20.34
C LEU A 107 -7.57 12.02 21.68
N ASP A 108 -6.44 11.99 22.39
CA ASP A 108 -6.40 12.63 23.70
C ASP A 108 -6.40 14.15 23.60
N SER A 109 -5.69 14.71 22.63
CA SER A 109 -5.55 16.17 22.60
C SER A 109 -6.73 16.89 21.94
N HIS A 110 -7.51 16.21 21.10
CA HIS A 110 -8.52 16.93 20.33
C HIS A 110 -9.87 16.23 20.24
N LEU A 111 -9.94 14.92 20.33
CA LEU A 111 -11.16 14.21 19.92
C LEU A 111 -11.97 13.68 21.08
N ILE A 112 -11.32 13.14 22.10
CA ILE A 112 -12.01 12.58 23.25
C ILE A 112 -12.43 13.74 24.16
N LYS A 113 -13.73 13.93 24.31
CA LYS A 113 -14.26 15.02 25.09
CA LYS A 113 -14.26 15.02 25.09
C LYS A 113 -15.43 14.51 25.94
N GLU A 114 -15.71 15.24 27.03
CA GLU A 114 -16.86 14.91 27.85
C GLU A 114 -18.15 15.26 27.13
N ALA A 115 -18.11 16.27 26.27
CA ALA A 115 -19.26 16.66 25.48
C ALA A 115 -19.44 15.75 24.26
N GLY A 116 -20.54 15.94 23.57
CA GLY A 116 -20.80 15.23 22.33
C GLY A 116 -21.80 14.08 22.52
N ASP A 117 -22.42 13.69 21.41
CA ASP A 117 -23.35 12.57 21.44
C ASP A 117 -22.63 11.30 21.92
N ALA A 118 -23.44 10.30 22.27
CA ALA A 118 -22.88 9.05 22.76
C ALA A 118 -22.06 8.36 21.68
N GLU A 119 -22.53 8.40 20.44
CA GLU A 119 -21.81 7.75 19.35
C GLU A 119 -20.39 8.30 19.24
N SER A 120 -20.24 9.63 19.26
CA SER A 120 -18.92 10.20 19.08
C SER A 120 -18.00 9.80 20.22
N ARG A 121 -18.50 9.86 21.47
CA ARG A 121 -17.64 9.51 22.59
C ARG A 121 -17.25 8.04 22.55
N VAL A 122 -18.19 7.18 22.21
CA VAL A 122 -17.87 5.75 22.08
C VAL A 122 -16.92 5.53 20.92
N PHE A 123 -17.16 6.21 19.80
CA PHE A 123 -16.30 6.05 18.63
C PHE A 123 -14.84 6.29 19.00
N TYR A 124 -14.56 7.41 19.67
CA TYR A 124 -13.17 7.78 19.90
C TYR A 124 -12.54 6.92 20.98
N LEU A 125 -13.31 6.53 22.00
CA LEU A 125 -12.74 5.72 23.07
C LEU A 125 -12.48 4.30 22.60
N LYS A 126 -13.38 3.77 21.79
CA LYS A 126 -13.11 2.51 21.13
C LYS A 126 -11.84 2.60 20.28
N MET A 127 -11.70 3.70 19.53
CA MET A 127 -10.52 3.89 18.69
C MET A 127 -9.26 3.92 19.55
N LYS A 128 -9.35 4.53 20.72
CA LYS A 128 -8.23 4.55 21.66
C LYS A 128 -7.88 3.15 22.14
N GLY A 129 -8.90 2.35 22.44
CA GLY A 129 -8.65 0.97 22.80
C GLY A 129 -8.00 0.22 21.66
N ASP A 130 -8.46 0.46 20.44
CA ASP A 130 -7.94 -0.23 19.25
C ASP A 130 -6.46 0.05 19.06
N TYR A 131 -6.06 1.33 19.12
CA TYR A 131 -4.66 1.64 18.85
C TYR A 131 -3.76 1.26 19.99
N TYR A 132 -4.25 1.26 21.24
CA TYR A 132 -3.48 0.62 22.30
C TYR A 132 -3.37 -0.88 22.06
N ARG A 133 -4.44 -1.49 21.60
CA ARG A 133 -4.39 -2.92 21.27
C ARG A 133 -3.38 -3.21 20.15
N TYR A 134 -3.28 -2.33 19.15
CA TYR A 134 -2.28 -2.54 18.09
C TYR A 134 -0.88 -2.36 18.65
N LEU A 135 -0.72 -1.49 19.65
CA LEU A 135 0.56 -1.38 20.33
C LEU A 135 0.88 -2.64 21.14
N ALA A 136 -0.14 -3.21 21.79
CA ALA A 136 0.10 -4.36 22.63
C ALA A 136 0.53 -5.56 21.80
N GLU A 137 0.05 -5.64 20.57
CA GLU A 137 0.41 -6.75 19.69
C GLU A 137 1.91 -6.84 19.50
N VAL A 138 2.62 -5.72 19.59
CA VAL A 138 4.07 -5.70 19.35
C VAL A 138 4.88 -5.41 20.59
N ALA A 139 4.23 -5.04 21.71
CA ALA A 139 4.95 -4.67 22.90
C ALA A 139 5.40 -5.90 23.68
N THR A 140 6.40 -5.70 24.52
CA THR A 140 6.86 -6.71 25.46
C THR A 140 7.14 -6.05 26.80
N GLY A 141 7.23 -6.88 27.83
CA GLY A 141 7.70 -6.43 29.13
C GLY A 141 6.72 -5.51 29.84
N ASP A 142 7.30 -4.62 30.66
CA ASP A 142 6.48 -3.68 31.43
C ASP A 142 5.68 -2.77 30.51
N ASP A 143 6.25 -2.40 29.35
CA ASP A 143 5.53 -1.57 28.40
C ASP A 143 4.24 -2.25 27.97
N LYS A 144 4.28 -3.56 27.75
CA LYS A 144 3.08 -4.28 27.34
C LYS A 144 2.00 -4.24 28.42
N LYS A 145 2.39 -4.43 29.67
CA LYS A 145 1.40 -4.42 30.75
C LYS A 145 0.70 -3.08 30.84
N ARG A 146 1.44 -1.98 30.71
CA ARG A 146 0.82 -0.67 30.77
C ARG A 146 -0.11 -0.45 29.59
N ILE A 147 0.35 -0.80 28.38
CA ILE A 147 -0.47 -0.64 27.20
C ILE A 147 -1.77 -1.43 27.37
N ILE A 148 -1.66 -2.68 27.82
CA ILE A 148 -2.85 -3.50 27.99
C ILE A 148 -3.82 -2.84 28.95
N ASP A 149 -3.31 -2.27 30.03
CA ASP A 149 -4.16 -1.58 30.99
C ASP A 149 -4.83 -0.38 30.33
N SER A 150 -4.07 0.35 29.49
CA SER A 150 -4.65 1.51 28.81
C SER A 150 -5.72 1.08 27.82
N ALA A 151 -5.47 -0.01 27.06
CA ALA A 151 -6.50 -0.51 26.16
C ALA A 151 -7.77 -0.87 26.93
N ARG A 152 -7.64 -1.70 27.96
CA ARG A 152 -8.81 -2.10 28.75
CA ARG A 152 -8.82 -2.10 28.74
C ARG A 152 -9.54 -0.87 29.27
N SER A 153 -8.81 0.06 29.89
CA SER A 153 -9.43 1.25 30.45
CA SER A 153 -9.43 1.25 30.45
C SER A 153 -10.23 2.00 29.40
N ALA A 154 -9.69 2.13 28.17
CA ALA A 154 -10.40 2.86 27.14
C ALA A 154 -11.62 2.08 26.66
N TYR A 155 -11.43 0.80 26.40
CA TYR A 155 -12.55 -0.05 25.98
C TYR A 155 -13.65 -0.05 27.02
N GLN A 156 -13.28 -0.21 28.29
CA GLN A 156 -14.27 -0.28 29.35
C GLN A 156 -15.05 1.02 29.47
N GLU A 157 -14.37 2.16 29.29
CA GLU A 157 -15.07 3.43 29.34
C GLU A 157 -16.05 3.54 28.19
N ALA A 158 -15.64 3.15 26.98
CA ALA A 158 -16.56 3.15 25.86
C ALA A 158 -17.70 2.16 26.08
N MET A 159 -17.39 1.00 26.64
CA MET A 159 -18.44 0.02 26.91
CA MET A 159 -18.44 0.01 26.92
C MET A 159 -19.47 0.55 27.91
N ASP A 160 -19.01 1.20 28.96
CA ASP A 160 -19.94 1.77 29.93
C ASP A 160 -20.91 2.73 29.24
N ILE A 161 -20.38 3.64 28.44
CA ILE A 161 -21.25 4.59 27.74
C ILE A 161 -22.20 3.87 26.80
N SER A 162 -21.70 2.90 26.05
CA SER A 162 -22.53 2.24 25.06
C SER A 162 -23.65 1.46 25.71
N LYS A 163 -23.35 0.75 26.80
CA LYS A 163 -24.40 0.00 27.50
C LYS A 163 -25.41 0.92 28.17
N LYS A 164 -25.03 2.16 28.48
CA LYS A 164 -25.97 3.07 29.12
C LYS A 164 -26.76 3.91 28.13
N GLU A 165 -26.18 4.23 26.98
CA GLU A 165 -26.76 5.24 26.10
C GLU A 165 -27.15 4.74 24.72
N MET A 166 -26.78 3.52 24.35
CA MET A 166 -27.05 3.02 23.00
C MET A 166 -27.80 1.71 23.06
N PRO A 167 -28.64 1.43 22.06
CA PRO A 167 -29.37 0.17 22.04
C PRO A 167 -28.45 -1.01 21.81
N PRO A 168 -28.88 -2.22 22.17
CA PRO A 168 -28.02 -3.40 21.96
C PRO A 168 -27.65 -3.64 20.50
N THR A 169 -28.40 -3.10 19.54
CA THR A 169 -28.12 -3.35 18.13
C THR A 169 -27.30 -2.24 17.47
N ASN A 170 -26.98 -1.18 18.18
CA ASN A 170 -26.28 -0.06 17.57
C ASN A 170 -24.95 -0.53 16.99
N PRO A 171 -24.66 -0.26 15.71
CA PRO A 171 -23.44 -0.82 15.10
C PRO A 171 -22.15 -0.34 15.73
N ILE A 172 -22.10 0.88 16.24
CA ILE A 172 -20.90 1.32 16.94
C ILE A 172 -20.73 0.55 18.25
N ARG A 173 -21.83 0.34 18.98
CA ARG A 173 -21.75 -0.48 20.17
C ARG A 173 -21.29 -1.89 19.83
N LEU A 174 -21.88 -2.47 18.78
CA LEU A 174 -21.49 -3.82 18.37
C LEU A 174 -20.03 -3.88 17.99
N GLY A 175 -19.55 -2.90 17.23
CA GLY A 175 -18.16 -2.90 16.83
C GLY A 175 -17.22 -2.82 18.01
N LEU A 176 -17.60 -2.06 19.04
CA LEU A 176 -16.77 -1.97 20.24
C LEU A 176 -16.71 -3.30 20.97
N ALA A 177 -17.87 -3.92 21.22
CA ALA A 177 -17.90 -5.21 21.90
C ALA A 177 -17.05 -6.23 21.14
N LEU A 178 -17.24 -6.30 19.83
CA LEU A 178 -16.40 -7.16 18.98
C LEU A 178 -14.92 -6.94 19.27
N ASN A 179 -14.46 -5.71 19.15
CA ASN A 179 -13.04 -5.44 19.33
C ASN A 179 -12.59 -5.70 20.75
N PHE A 180 -13.41 -5.36 21.74
CA PHE A 180 -13.04 -5.67 23.11
C PHE A 180 -12.92 -7.17 23.31
N SER A 181 -13.84 -7.93 22.73
CA SER A 181 -13.74 -9.39 22.83
C SER A 181 -12.45 -9.89 22.17
N VAL A 182 -12.08 -9.30 21.04
CA VAL A 182 -10.79 -9.65 20.42
C VAL A 182 -9.65 -9.32 21.37
N PHE A 183 -9.72 -8.16 22.03
CA PHE A 183 -8.74 -7.79 23.05
C PHE A 183 -8.64 -8.85 24.13
N HIS A 184 -9.79 -9.24 24.70
CA HIS A 184 -9.77 -10.29 25.71
C HIS A 184 -9.04 -11.53 25.18
N TYR A 185 -9.43 -11.99 24.00
CA TYR A 185 -8.88 -13.26 23.53
C TYR A 185 -7.39 -13.14 23.23
N GLU A 186 -7.04 -12.19 22.35
CA GLU A 186 -5.72 -12.17 21.73
C GLU A 186 -4.69 -11.40 22.55
N ILE A 187 -5.11 -10.49 23.42
CA ILE A 187 -4.19 -9.61 24.13
C ILE A 187 -4.20 -9.89 25.62
N ALA A 188 -5.39 -9.85 26.24
CA ALA A 188 -5.49 -9.97 27.68
C ALA A 188 -5.42 -11.41 28.19
N ASN A 189 -5.39 -12.40 27.31
CA ASN A 189 -5.28 -13.78 27.72
C ASN A 189 -6.48 -14.21 28.56
N SER A 190 -7.68 -13.84 28.09
CA SER A 190 -8.93 -14.11 28.81
C SER A 190 -9.93 -14.70 27.82
N PRO A 191 -9.70 -15.93 27.36
CA PRO A 191 -10.58 -16.51 26.33
C PRO A 191 -12.03 -16.66 26.77
N GLU A 192 -12.28 -17.07 28.01
CA GLU A 192 -13.65 -17.24 28.47
C GLU A 192 -14.40 -15.91 28.44
N GLU A 193 -13.69 -14.81 28.76
CA GLU A 193 -14.31 -13.49 28.74
CA GLU A 193 -14.31 -13.50 28.74
C GLU A 193 -14.59 -13.05 27.31
N ALA A 194 -13.64 -13.32 26.39
CA ALA A 194 -13.87 -13.03 24.99
C ALA A 194 -15.10 -13.76 24.45
N ILE A 195 -15.16 -15.06 24.69
CA ILE A 195 -16.29 -15.87 24.21
C ILE A 195 -17.58 -15.40 24.86
N SER A 196 -17.56 -15.16 26.18
CA SER A 196 -18.75 -14.71 26.88
C SER A 196 -19.24 -13.37 26.35
N LEU A 197 -18.32 -12.42 26.16
CA LEU A 197 -18.72 -11.11 25.69
C LEU A 197 -19.26 -11.15 24.26
N ALA A 198 -18.60 -11.91 23.38
CA ALA A 198 -19.13 -12.04 22.02
C ALA A 198 -20.49 -12.71 22.03
N LYS A 199 -20.64 -13.79 22.81
CA LYS A 199 -21.92 -14.48 22.89
C LYS A 199 -23.01 -13.52 23.35
N THR A 200 -22.78 -12.85 24.49
CA THR A 200 -23.75 -11.91 25.03
C THR A 200 -24.10 -10.83 24.01
N THR A 201 -23.08 -10.20 23.41
CA THR A 201 -23.32 -9.16 22.43
C THR A 201 -24.19 -9.68 21.27
N PHE A 202 -23.82 -10.81 20.69
CA PHE A 202 -24.62 -11.38 19.60
C PHE A 202 -26.05 -11.62 20.04
N ASP A 203 -26.22 -12.33 21.15
CA ASP A 203 -27.56 -12.69 21.60
C ASP A 203 -28.40 -11.45 21.91
N GLU A 204 -27.81 -10.50 22.62
CA GLU A 204 -28.60 -9.31 23.00
C GLU A 204 -28.96 -8.51 21.76
N ALA A 205 -28.14 -8.57 20.73
CA ALA A 205 -28.48 -7.90 19.47
C ALA A 205 -29.59 -8.66 18.76
N MET A 206 -29.42 -9.97 18.63
CA MET A 206 -30.44 -10.80 17.98
C MET A 206 -31.83 -10.49 18.52
N ALA A 207 -31.96 -10.38 19.85
CA ALA A 207 -33.27 -10.21 20.46
C ALA A 207 -33.98 -8.94 20.01
N ASP A 208 -33.25 -7.98 19.45
CA ASP A 208 -33.83 -6.71 19.04
C ASP A 208 -33.83 -6.51 17.52
N LEU A 209 -33.43 -7.51 16.75
CA LEU A 209 -33.34 -7.32 15.30
C LEU A 209 -34.70 -7.06 14.68
N HIS A 210 -35.73 -7.79 15.12
CA HIS A 210 -37.07 -7.63 14.55
C HIS A 210 -37.60 -6.21 14.61
N THR A 211 -36.97 -5.33 15.37
CA THR A 211 -37.42 -3.95 15.52
C THR A 211 -36.74 -3.00 14.55
N LEU A 212 -35.69 -3.43 13.88
CA LEU A 212 -34.85 -2.53 13.09
C LEU A 212 -35.37 -2.37 11.66
N SER A 213 -35.01 -1.25 11.05
CA SER A 213 -35.26 -1.05 9.64
C SER A 213 -34.39 -2.00 8.83
N GLU A 214 -34.53 -1.95 7.50
CA GLU A 214 -33.70 -2.80 6.65
C GLU A 214 -32.26 -2.31 6.64
N ASP A 215 -32.04 -0.99 6.65
CA ASP A 215 -30.68 -0.47 6.63
C ASP A 215 -29.98 -0.70 7.96
N SER A 216 -30.68 -0.44 9.07
CA SER A 216 -30.08 -0.71 10.37
C SER A 216 -29.83 -2.21 10.54
N TYR A 217 -30.73 -3.04 10.01
CA TYR A 217 -30.58 -4.48 10.14
C TYR A 217 -29.29 -4.97 9.47
N LYS A 218 -29.00 -4.48 8.27
CA LYS A 218 -27.78 -4.90 7.60
C LYS A 218 -26.54 -4.39 8.32
N ASP A 219 -26.59 -3.16 8.83
CA ASP A 219 -25.44 -2.63 9.59
C ASP A 219 -25.19 -3.47 10.85
N SER A 220 -26.24 -3.80 11.58
CA SER A 220 -26.05 -4.59 12.79
C SER A 220 -25.62 -6.01 12.46
N THR A 221 -26.29 -6.66 11.49
CA THR A 221 -25.96 -8.05 11.19
C THR A 221 -24.55 -8.18 10.64
N LEU A 222 -24.02 -7.14 10.02
CA LEU A 222 -22.66 -7.21 9.51
C LEU A 222 -21.69 -7.52 10.63
N ILE A 223 -21.78 -6.80 11.74
CA ILE A 223 -20.88 -7.05 12.86
C ILE A 223 -21.28 -8.32 13.61
N MET A 224 -22.57 -8.63 13.65
CA MET A 224 -23.00 -9.83 14.34
C MET A 224 -22.40 -11.08 13.69
N GLN A 225 -22.27 -11.07 12.37
CA GLN A 225 -21.65 -12.20 11.70
C GLN A 225 -20.20 -12.33 12.11
N LEU A 226 -19.50 -11.20 12.26
CA LEU A 226 -18.11 -11.25 12.69
C LEU A 226 -18.00 -11.87 14.08
N LEU A 227 -18.87 -11.42 15.01
CA LEU A 227 -18.93 -12.05 16.32
C LEU A 227 -19.14 -13.56 16.21
N ARG A 228 -20.14 -13.97 15.43
CA ARG A 228 -20.35 -15.40 15.21
C ARG A 228 -19.08 -16.05 14.67
N ASP A 229 -18.45 -15.39 13.69
CA ASP A 229 -17.26 -15.97 13.07
C ASP A 229 -16.17 -16.21 14.10
N ASN A 230 -15.97 -15.24 15.00
CA ASN A 230 -14.98 -15.42 16.06
C ASN A 230 -15.40 -16.51 17.04
N LEU A 231 -16.68 -16.51 17.43
CA LEU A 231 -17.14 -17.55 18.35
C LEU A 231 -16.88 -18.93 17.78
N THR A 232 -17.28 -19.16 16.54
CA THR A 232 -17.01 -20.45 15.89
C THR A 232 -15.51 -20.75 15.86
N LEU A 233 -14.69 -19.75 15.56
CA LEU A 233 -13.25 -19.92 15.60
C LEU A 233 -12.77 -20.33 16.99
N TRP A 234 -13.17 -19.55 18.02
CA TRP A 234 -12.62 -19.77 19.35
C TRP A 234 -13.20 -21.03 20.02
N THR A 235 -14.45 -21.37 19.72
CA THR A 235 -15.08 -22.56 20.30
C THR A 235 -14.86 -23.74 19.36
N ALA A 236 -13.69 -24.37 19.50
CA ALA A 236 -13.34 -25.51 18.67
C ALA A 236 -12.16 -26.22 19.30
N ASP A 237 -12.28 -27.54 19.47
CA ASP A 237 -11.19 -28.35 20.01
C ASP A 237 -10.03 -28.50 19.03
N ASN A 238 -10.08 -27.82 17.87
CA ASN A 238 -8.95 -27.87 16.94
C ASN A 238 -7.64 -27.55 17.65
N ALA A 239 -7.67 -26.63 18.61
CA ALA A 239 -6.49 -26.29 19.39
C ALA A 239 -6.88 -25.43 20.58
N GLY B 1 35.57 -4.75 2.60
CA GLY B 1 35.76 -6.13 3.12
C GLY B 1 34.50 -6.66 3.76
N ALA B 2 34.17 -6.14 4.95
CA ALA B 2 32.88 -6.40 5.55
C ALA B 2 31.74 -5.83 4.71
N MET B 3 32.05 -5.00 3.71
CA MET B 3 31.04 -4.55 2.76
C MET B 3 30.26 -5.73 2.18
N ALA B 4 30.98 -6.79 1.78
CA ALA B 4 30.32 -7.97 1.25
C ALA B 4 29.29 -8.51 2.23
N MET B 5 29.58 -8.42 3.53
CA MET B 5 28.62 -8.84 4.53
C MET B 5 27.44 -7.87 4.61
N GLU B 6 27.73 -6.57 4.60
CA GLU B 6 26.65 -5.57 4.58
C GLU B 6 25.82 -5.70 3.31
N ARG B 7 26.47 -5.90 2.17
CA ARG B 7 25.73 -6.09 0.92
C ARG B 7 24.81 -7.29 1.02
N ALA B 8 25.30 -8.40 1.57
CA ALA B 8 24.44 -9.57 1.76
C ALA B 8 23.27 -9.25 2.68
N SER B 9 23.51 -8.44 3.71
CA SER B 9 22.43 -8.06 4.61
C SER B 9 21.40 -7.18 3.90
N LEU B 10 21.87 -6.23 3.08
CA LEU B 10 20.92 -5.40 2.35
C LEU B 10 20.09 -6.22 1.38
N ILE B 11 20.72 -7.24 0.78
CA ILE B 11 19.96 -8.10 -0.12
C ILE B 11 18.94 -8.93 0.66
N GLN B 12 19.34 -9.46 1.81
CA GLN B 12 18.41 -10.23 2.62
CA GLN B 12 18.41 -10.23 2.63
C GLN B 12 17.25 -9.37 3.11
N LYS B 13 17.55 -8.12 3.50
CA LYS B 13 16.48 -7.22 3.93
C LYS B 13 15.58 -6.83 2.77
N ALA B 14 16.13 -6.71 1.56
CA ALA B 14 15.29 -6.45 0.40
C ALA B 14 14.33 -7.60 0.15
N LYS B 15 14.77 -8.83 0.38
CA LYS B 15 13.90 -9.98 0.20
C LYS B 15 12.84 -10.05 1.29
N LEU B 16 13.19 -9.64 2.51
CA LEU B 16 12.19 -9.55 3.56
C LEU B 16 11.16 -8.47 3.26
N ALA B 17 11.62 -7.30 2.83
CA ALA B 17 10.69 -6.22 2.48
C ALA B 17 9.73 -6.67 1.39
N GLU B 18 10.24 -7.42 0.40
CA GLU B 18 9.37 -7.90 -0.67
C GLU B 18 8.29 -8.82 -0.12
N GLN B 19 8.67 -9.77 0.72
CA GLN B 19 7.68 -10.68 1.31
C GLN B 19 6.68 -9.93 2.16
N ALA B 20 7.10 -8.82 2.75
CA ALA B 20 6.21 -7.98 3.55
C ALA B 20 5.54 -6.89 2.71
N GLU B 21 5.79 -6.86 1.40
CA GLU B 21 5.15 -5.89 0.50
C GLU B 21 5.49 -4.46 0.92
N ARG B 22 6.72 -4.26 1.37
CA ARG B 22 7.21 -2.95 1.79
C ARG B 22 8.18 -2.42 0.73
N TYR B 23 7.62 -1.98 -0.39
CA TYR B 23 8.44 -1.78 -1.58
C TYR B 23 9.34 -0.57 -1.47
N GLU B 24 8.89 0.47 -0.79
CA GLU B 24 9.77 1.61 -0.54
C GLU B 24 11.01 1.16 0.22
N ASP B 25 10.83 0.34 1.26
CA ASP B 25 11.96 -0.20 2.00
C ASP B 25 12.82 -1.07 1.11
N MET B 26 12.17 -1.97 0.37
CA MET B 26 12.89 -2.84 -0.56
C MET B 26 13.76 -2.04 -1.51
N ALA B 27 13.19 -0.99 -2.10
CA ALA B 27 13.95 -0.19 -3.07
C ALA B 27 15.19 0.42 -2.42
N ALA B 28 15.04 0.95 -1.21
CA ALA B 28 16.17 1.56 -0.53
C ALA B 28 17.24 0.54 -0.19
N PHE B 29 16.84 -0.66 0.24
CA PHE B 29 17.82 -1.70 0.49
C PHE B 29 18.59 -2.05 -0.79
N MET B 30 17.88 -2.16 -1.91
CA MET B 30 18.53 -2.50 -3.15
C MET B 30 19.40 -1.35 -3.64
N LYS B 31 18.94 -0.10 -3.48
CA LYS B 31 19.80 1.04 -3.79
C LYS B 31 21.13 0.92 -3.04
N GLY B 32 21.06 0.62 -1.75
CA GLY B 32 22.29 0.45 -0.98
C GLY B 32 23.16 -0.68 -1.51
N ALA B 33 22.54 -1.81 -1.88
CA ALA B 33 23.31 -2.91 -2.44
C ALA B 33 24.01 -2.47 -3.73
N VAL B 34 23.29 -1.80 -4.63
CA VAL B 34 23.90 -1.33 -5.87
C VAL B 34 25.12 -0.46 -5.59
N GLU B 35 25.01 0.40 -4.58
CA GLU B 35 26.06 1.36 -4.26
C GLU B 35 27.25 0.73 -3.59
N LYS B 36 27.24 -0.57 -3.33
CA LYS B 36 28.45 -1.28 -2.95
C LYS B 36 29.39 -1.52 -4.14
N GLY B 37 28.97 -1.17 -5.37
CA GLY B 37 29.85 -1.21 -6.51
C GLY B 37 29.89 -2.52 -7.26
N GLU B 38 29.41 -3.60 -6.66
CA GLU B 38 29.40 -4.89 -7.32
C GLU B 38 28.24 -4.98 -8.31
N GLU B 39 28.46 -5.70 -9.40
CA GLU B 39 27.41 -5.89 -10.38
C GLU B 39 26.34 -6.84 -9.82
N LEU B 40 25.11 -6.66 -10.30
CA LEU B 40 23.98 -7.42 -9.81
C LEU B 40 23.80 -8.71 -10.62
N SER B 41 23.47 -9.79 -9.92
CA SER B 41 23.05 -11.01 -10.57
C SER B 41 21.64 -10.83 -11.16
N CYS B 42 21.20 -11.82 -11.93
CA CYS B 42 19.85 -11.77 -12.48
CA CYS B 42 19.84 -11.79 -12.47
C CYS B 42 18.82 -11.59 -11.37
N GLU B 43 18.93 -12.37 -10.30
CA GLU B 43 17.99 -12.28 -9.19
C GLU B 43 18.01 -10.90 -8.56
N GLU B 44 19.20 -10.40 -8.24
CA GLU B 44 19.32 -9.08 -7.62
C GLU B 44 18.83 -7.99 -8.56
N ARG B 45 19.04 -8.16 -9.85
CA ARG B 45 18.52 -7.22 -10.83
C ARG B 45 17.02 -7.14 -10.75
N ASN B 46 16.36 -8.30 -10.67
CA ASN B 46 14.91 -8.29 -10.61
C ASN B 46 14.40 -7.75 -9.29
N LEU B 47 15.15 -7.94 -8.20
CA LEU B 47 14.75 -7.36 -6.92
C LEU B 47 14.75 -5.84 -7.00
N LEU B 48 15.84 -5.28 -7.54
CA LEU B 48 15.89 -3.85 -7.78
C LEU B 48 14.68 -3.41 -8.61
N SER B 49 14.44 -4.08 -9.72
CA SER B 49 13.37 -3.64 -10.60
C SER B 49 12.01 -3.76 -9.92
N VAL B 50 11.75 -4.87 -9.25
CA VAL B 50 10.47 -5.09 -8.59
C VAL B 50 10.20 -3.98 -7.56
N ALA B 51 11.23 -3.64 -6.79
CA ALA B 51 11.03 -2.69 -5.73
C ALA B 51 10.63 -1.33 -6.28
N TYR B 52 11.38 -0.84 -7.27
CA TYR B 52 11.08 0.48 -7.79
C TYR B 52 9.85 0.48 -8.67
N LYS B 53 9.57 -0.64 -9.34
CA LYS B 53 8.34 -0.71 -10.11
C LYS B 53 7.14 -0.45 -9.22
N ASN B 54 7.12 -1.07 -8.05
CA ASN B 54 5.98 -0.97 -7.16
C ASN B 54 5.87 0.42 -6.56
N VAL B 55 7.01 1.01 -6.21
CA VAL B 55 7.01 2.37 -5.69
C VAL B 55 6.40 3.33 -6.70
N VAL B 56 6.97 3.38 -7.92
CA VAL B 56 6.46 4.35 -8.88
C VAL B 56 5.10 3.94 -9.38
N GLY B 57 4.80 2.64 -9.37
CA GLY B 57 3.48 2.21 -9.80
C GLY B 57 2.38 2.79 -8.93
N GLY B 58 2.58 2.78 -7.63
CA GLY B 58 1.62 3.42 -6.73
C GLY B 58 1.53 4.91 -6.96
N GLN B 59 2.67 5.57 -7.14
CA GLN B 59 2.67 7.00 -7.45
C GLN B 59 2.02 7.31 -8.78
N ARG B 60 2.32 6.52 -9.83
CA ARG B 60 1.71 6.76 -11.13
C ARG B 60 0.20 6.56 -11.07
N ALA B 61 -0.25 5.48 -10.45
CA ALA B 61 -1.69 5.26 -10.32
C ALA B 61 -2.34 6.40 -9.52
N ALA B 62 -1.68 6.88 -8.48
CA ALA B 62 -2.21 8.01 -7.74
C ALA B 62 -2.22 9.27 -8.59
N TRP B 63 -1.15 9.47 -9.37
CA TRP B 63 -1.08 10.65 -10.22
C TRP B 63 -2.19 10.62 -11.26
N ARG B 64 -2.48 9.46 -11.82
CA ARG B 64 -3.54 9.37 -12.82
C ARG B 64 -4.90 9.66 -12.19
N VAL B 65 -5.17 9.09 -11.02
CA VAL B 65 -6.43 9.39 -10.34
C VAL B 65 -6.58 10.90 -10.15
N LEU B 66 -5.53 11.54 -9.66
CA LEU B 66 -5.63 12.96 -9.34
C LEU B 66 -5.75 13.80 -10.60
N SER B 67 -4.96 13.49 -11.62
CA SER B 67 -5.05 14.24 -12.88
CA SER B 67 -5.05 14.24 -12.88
C SER B 67 -6.45 14.15 -13.45
N SER B 68 -7.07 12.97 -13.36
CA SER B 68 -8.42 12.81 -13.88
C SER B 68 -9.40 13.68 -13.13
N ILE B 69 -9.33 13.66 -11.79
CA ILE B 69 -10.17 14.54 -10.99
C ILE B 69 -9.92 15.99 -11.38
N GLU B 70 -8.64 16.38 -11.45
CA GLU B 70 -8.29 17.75 -11.81
C GLU B 70 -8.91 18.12 -13.16
N GLN B 71 -8.76 17.25 -14.16
CA GLN B 71 -9.34 17.54 -15.47
C GLN B 71 -10.86 17.63 -15.41
N LYS B 72 -11.48 16.95 -14.42
CA LYS B 72 -12.92 16.97 -14.26
C LYS B 72 -13.40 17.82 -13.09
N SER B 73 -12.49 18.33 -12.26
CA SER B 73 -12.88 19.25 -11.19
C SER B 73 -13.57 20.49 -11.72
N ASN B 74 -13.59 20.67 -13.04
CA ASN B 74 -14.27 21.81 -13.65
C ASN B 74 -15.79 21.63 -13.62
N GLU B 75 -16.27 20.43 -13.90
CA GLU B 75 -17.69 20.16 -13.95
C GLU B 75 -18.26 19.95 -12.56
N GLU B 79 -17.01 19.87 -9.32
CA GLU B 79 -18.13 20.43 -8.59
C GLU B 79 -17.66 21.51 -7.62
N GLU B 80 -16.79 21.12 -6.67
CA GLU B 80 -16.31 22.06 -5.67
C GLU B 80 -15.25 23.01 -6.24
N LYS B 81 -14.40 22.51 -7.13
CA LYS B 81 -13.33 23.32 -7.70
C LYS B 81 -12.27 23.61 -6.65
N GLY B 82 -11.42 24.61 -6.92
CA GLY B 82 -10.40 25.02 -5.98
C GLY B 82 -9.04 24.46 -6.33
N PRO B 83 -7.99 25.06 -5.76
CA PRO B 83 -6.62 24.63 -6.06
C PRO B 83 -6.18 23.35 -5.37
N GLU B 84 -7.05 22.72 -4.58
CA GLU B 84 -6.62 21.58 -3.78
C GLU B 84 -6.14 20.44 -4.66
N VAL B 85 -6.88 20.14 -5.72
CA VAL B 85 -6.54 18.99 -6.56
C VAL B 85 -5.18 19.21 -7.20
N ARG B 86 -4.96 20.39 -7.78
CA ARG B 86 -3.70 20.65 -8.45
C ARG B 86 -2.54 20.62 -7.47
N GLU B 87 -2.73 21.20 -6.29
CA GLU B 87 -1.67 21.20 -5.29
C GLU B 87 -1.28 19.79 -4.91
N TYR B 88 -2.26 18.92 -4.70
CA TYR B 88 -1.95 17.58 -4.24
C TYR B 88 -1.39 16.77 -5.38
N ARG B 89 -1.96 16.90 -6.59
CA ARG B 89 -1.38 16.28 -7.77
C ARG B 89 0.08 16.69 -7.97
N GLU B 90 0.39 17.97 -7.81
CA GLU B 90 1.78 18.40 -7.96
C GLU B 90 2.66 17.78 -6.89
N LYS B 91 2.14 17.64 -5.66
CA LYS B 91 2.92 16.98 -4.62
C LYS B 91 3.23 15.54 -5.02
N VAL B 92 2.22 14.80 -5.48
CA VAL B 92 2.45 13.42 -5.87
C VAL B 92 3.41 13.38 -7.06
N GLU B 93 3.24 14.29 -8.02
CA GLU B 93 4.10 14.35 -9.18
C GLU B 93 5.56 14.57 -8.79
N THR B 94 5.80 15.52 -7.90
CA THR B 94 7.15 15.77 -7.42
C THR B 94 7.76 14.54 -6.77
N GLU B 95 6.97 13.81 -5.98
CA GLU B 95 7.50 12.60 -5.35
CA GLU B 95 7.49 12.60 -5.36
C GLU B 95 7.86 11.58 -6.40
N LEU B 96 6.99 11.42 -7.40
CA LEU B 96 7.23 10.46 -8.48
C LEU B 96 8.49 10.81 -9.25
N GLN B 97 8.63 12.08 -9.63
CA GLN B 97 9.84 12.53 -10.29
C GLN B 97 11.08 12.25 -9.46
N GLY B 98 11.00 12.46 -8.15
CA GLY B 98 12.13 12.19 -7.29
C GLY B 98 12.57 10.74 -7.30
N VAL B 99 11.62 9.81 -7.35
CA VAL B 99 11.96 8.41 -7.40
C VAL B 99 12.57 8.07 -8.77
N CYS B 100 11.98 8.58 -9.85
CA CYS B 100 12.53 8.33 -11.17
C CYS B 100 13.95 8.86 -11.28
N ASP B 101 14.20 10.07 -10.77
CA ASP B 101 15.55 10.61 -10.80
C ASP B 101 16.52 9.70 -10.05
N THR B 102 16.07 9.11 -8.95
CA THR B 102 16.96 8.26 -8.16
C THR B 102 17.35 7.01 -8.94
N VAL B 103 16.37 6.37 -9.59
CA VAL B 103 16.65 5.18 -10.36
C VAL B 103 17.56 5.50 -11.55
N LEU B 104 17.21 6.55 -12.30
CA LEU B 104 18.05 6.95 -13.43
C LEU B 104 19.45 7.31 -12.98
N GLY B 105 19.58 7.88 -11.79
CA GLY B 105 20.92 8.18 -11.27
C GLY B 105 21.70 6.94 -10.94
N LEU B 106 21.02 5.92 -10.38
CA LEU B 106 21.67 4.64 -10.10
C LEU B 106 22.08 3.96 -11.41
N LEU B 107 21.20 3.99 -12.40
CA LEU B 107 21.53 3.37 -13.68
C LEU B 107 22.76 4.00 -14.28
N ASP B 108 22.79 5.33 -14.34
CA ASP B 108 23.92 6.02 -14.94
C ASP B 108 25.18 5.87 -14.11
N SER B 109 25.05 5.79 -12.79
CA SER B 109 26.20 5.82 -11.90
C SER B 109 26.81 4.44 -11.63
N HIS B 110 26.00 3.39 -11.62
CA HIS B 110 26.51 2.10 -11.21
C HIS B 110 26.17 0.93 -12.14
N LEU B 111 25.04 1.01 -12.84
CA LEU B 111 24.51 -0.18 -13.50
C LEU B 111 24.77 -0.23 -15.00
N ILE B 112 24.61 0.87 -15.73
CA ILE B 112 24.84 0.88 -17.16
C ILE B 112 26.33 0.89 -17.42
N LYS B 113 26.84 -0.17 -18.07
CA LYS B 113 28.26 -0.32 -18.36
C LYS B 113 28.43 -0.75 -19.81
N GLU B 114 29.62 -0.50 -20.34
CA GLU B 114 29.95 -1.00 -21.67
C GLU B 114 30.08 -2.51 -21.67
N ALA B 115 30.68 -3.07 -20.62
CA ALA B 115 30.90 -4.50 -20.53
C ALA B 115 29.65 -5.18 -19.98
N GLY B 116 29.74 -6.49 -19.74
CA GLY B 116 28.60 -7.26 -19.31
C GLY B 116 27.88 -7.92 -20.48
N ASP B 117 27.17 -9.01 -20.17
CA ASP B 117 26.46 -9.74 -21.21
C ASP B 117 25.37 -8.87 -21.82
N ALA B 118 24.89 -9.29 -22.98
CA ALA B 118 23.89 -8.51 -23.71
C ALA B 118 22.61 -8.35 -22.90
N GLU B 119 22.17 -9.42 -22.24
CA GLU B 119 20.94 -9.36 -21.47
C GLU B 119 21.06 -8.34 -20.34
N SER B 120 22.24 -8.25 -19.73
CA SER B 120 22.45 -7.28 -18.67
C SER B 120 22.37 -5.85 -19.22
N ARG B 121 23.05 -5.58 -20.33
CA ARG B 121 23.03 -4.23 -20.88
C ARG B 121 21.62 -3.86 -21.34
N VAL B 122 20.93 -4.80 -21.98
CA VAL B 122 19.56 -4.54 -22.42
C VAL B 122 18.67 -4.25 -21.22
N PHE B 123 18.81 -5.02 -20.15
CA PHE B 123 17.92 -4.88 -19.00
C PHE B 123 17.99 -3.46 -18.45
N TYR B 124 19.20 -2.93 -18.29
CA TYR B 124 19.39 -1.62 -17.67
C TYR B 124 19.01 -0.48 -18.61
N LEU B 125 19.32 -0.60 -19.90
CA LEU B 125 18.92 0.43 -20.84
C LEU B 125 17.40 0.46 -21.02
N LYS B 126 16.76 -0.70 -20.97
CA LYS B 126 15.30 -0.74 -20.96
C LYS B 126 14.76 -0.05 -19.71
N MET B 127 15.37 -0.32 -18.57
CA MET B 127 14.95 0.33 -17.33
C MET B 127 15.15 1.84 -17.44
N LYS B 128 16.23 2.27 -18.10
CA LYS B 128 16.43 3.70 -18.29
C LYS B 128 15.33 4.27 -19.18
N GLY B 129 15.05 3.60 -20.29
CA GLY B 129 13.89 4.02 -21.08
C GLY B 129 12.63 4.10 -20.24
N ASP B 130 12.40 3.10 -19.39
CA ASP B 130 11.17 3.00 -18.61
C ASP B 130 11.01 4.20 -17.69
N TYR B 131 12.08 4.57 -16.99
CA TYR B 131 11.92 5.62 -15.98
C TYR B 131 11.95 6.99 -16.62
N TYR B 132 12.60 7.14 -17.78
CA TYR B 132 12.39 8.38 -18.54
C TYR B 132 10.97 8.43 -19.07
N ARG B 133 10.38 7.27 -19.37
CA ARG B 133 9.00 7.24 -19.83
C ARG B 133 8.05 7.67 -18.72
N TYR B 134 8.28 7.21 -17.49
CA TYR B 134 7.44 7.67 -16.37
C TYR B 134 7.56 9.17 -16.18
N LEU B 135 8.78 9.70 -16.25
CA LEU B 135 8.93 11.14 -16.26
C LEU B 135 8.15 11.80 -17.39
N ALA B 136 8.18 11.22 -18.59
CA ALA B 136 7.48 11.83 -19.71
C ALA B 136 5.97 11.82 -19.51
N GLU B 137 5.43 10.80 -18.83
CA GLU B 137 4.01 10.71 -18.58
C GLU B 137 3.48 11.96 -17.84
N VAL B 138 4.32 12.56 -17.01
CA VAL B 138 3.91 13.73 -16.22
C VAL B 138 4.60 14.99 -16.69
N ALA B 139 5.48 14.91 -17.68
CA ALA B 139 6.21 16.10 -18.10
C ALA B 139 5.32 16.99 -18.95
N THR B 140 5.59 18.29 -18.91
CA THR B 140 4.86 19.24 -19.72
C THR B 140 5.83 20.29 -20.22
N GLY B 141 5.70 20.63 -21.50
CA GLY B 141 6.39 21.77 -22.07
C GLY B 141 7.89 21.62 -22.28
N ASP B 142 8.66 22.43 -21.55
CA ASP B 142 10.08 22.60 -21.85
C ASP B 142 10.86 21.30 -21.83
N ASP B 143 11.03 20.72 -20.64
CA ASP B 143 11.86 19.53 -20.49
C ASP B 143 11.22 18.29 -21.08
N LYS B 144 9.97 18.37 -21.54
CA LYS B 144 9.29 17.17 -22.02
C LYS B 144 9.99 16.57 -23.25
N LYS B 145 10.36 17.42 -24.21
CA LYS B 145 11.03 16.93 -25.40
C LYS B 145 12.33 16.22 -25.04
N ARG B 146 13.14 16.83 -24.18
CA ARG B 146 14.38 16.20 -23.75
C ARG B 146 14.12 14.83 -23.15
N ILE B 147 13.16 14.76 -22.22
CA ILE B 147 12.87 13.51 -21.53
C ILE B 147 12.39 12.45 -22.51
N ILE B 148 11.55 12.83 -23.46
CA ILE B 148 11.11 11.88 -24.48
C ILE B 148 12.29 11.41 -25.32
N ASP B 149 13.17 12.32 -25.72
CA ASP B 149 14.34 11.94 -26.48
C ASP B 149 15.25 11.01 -25.68
N SER B 150 15.35 11.23 -24.36
CA SER B 150 16.18 10.37 -23.53
C SER B 150 15.58 8.97 -23.40
N ALA B 151 14.25 8.89 -23.30
CA ALA B 151 13.63 7.57 -23.26
C ALA B 151 13.85 6.82 -24.57
N ARG B 152 13.62 7.49 -25.70
CA ARG B 152 13.76 6.84 -27.00
C ARG B 152 15.18 6.37 -27.25
N SER B 153 16.18 7.20 -26.92
CA SER B 153 17.57 6.81 -27.13
C SER B 153 17.91 5.57 -26.32
N ALA B 154 17.44 5.50 -25.07
CA ALA B 154 17.69 4.33 -24.24
C ALA B 154 17.00 3.09 -24.81
N TYR B 155 15.71 3.22 -25.14
CA TYR B 155 14.98 2.10 -25.72
C TYR B 155 15.61 1.64 -27.03
N GLN B 156 16.06 2.59 -27.86
CA GLN B 156 16.61 2.23 -29.17
C GLN B 156 17.93 1.49 -29.03
N GLU B 157 18.80 1.96 -28.12
CA GLU B 157 20.06 1.26 -27.92
C GLU B 157 19.81 -0.16 -27.39
N ALA B 158 18.90 -0.28 -26.41
CA ALA B 158 18.53 -1.60 -25.94
C ALA B 158 17.98 -2.45 -27.07
N MET B 159 17.11 -1.86 -27.89
CA MET B 159 16.49 -2.61 -28.98
C MET B 159 17.54 -3.10 -29.96
N ASP B 160 18.47 -2.22 -30.34
CA ASP B 160 19.55 -2.60 -31.25
C ASP B 160 20.34 -3.78 -30.68
N ILE B 161 20.60 -3.78 -29.38
CA ILE B 161 21.34 -4.89 -28.79
C ILE B 161 20.49 -6.15 -28.83
N SER B 162 19.23 -6.05 -28.41
CA SER B 162 18.38 -7.23 -28.30
C SER B 162 18.20 -7.91 -29.66
N LYS B 163 18.06 -7.12 -30.73
CA LYS B 163 17.78 -7.70 -32.04
C LYS B 163 19.02 -8.31 -32.66
N LYS B 164 20.21 -7.91 -32.22
CA LYS B 164 21.43 -8.49 -32.70
C LYS B 164 21.87 -9.68 -31.89
N GLU B 165 21.63 -9.68 -30.58
CA GLU B 165 22.25 -10.66 -29.70
C GLU B 165 21.28 -11.57 -28.96
N MET B 166 19.97 -11.44 -29.17
CA MET B 166 19.03 -12.24 -28.42
C MET B 166 17.92 -12.77 -29.30
N PRO B 167 17.38 -13.94 -28.98
CA PRO B 167 16.30 -14.53 -29.76
C PRO B 167 15.01 -13.76 -29.63
N PRO B 168 14.12 -13.86 -30.64
CA PRO B 168 12.84 -13.14 -30.55
C PRO B 168 11.96 -13.53 -29.38
N THR B 169 12.18 -14.70 -28.76
CA THR B 169 11.38 -15.14 -27.63
C THR B 169 12.04 -14.85 -26.28
N ASN B 170 13.18 -14.19 -26.28
CA ASN B 170 13.85 -13.87 -25.03
C ASN B 170 12.97 -12.92 -24.23
N PRO B 171 12.69 -13.22 -22.95
CA PRO B 171 11.77 -12.36 -22.18
C PRO B 171 12.23 -10.93 -22.01
N ILE B 172 13.53 -10.70 -21.88
CA ILE B 172 14.01 -9.33 -21.77
C ILE B 172 13.78 -8.60 -23.09
N ARG B 173 14.17 -9.21 -24.22
CA ARG B 173 13.88 -8.58 -25.49
C ARG B 173 12.39 -8.32 -25.68
N LEU B 174 11.56 -9.30 -25.35
CA LEU B 174 10.11 -9.14 -25.48
C LEU B 174 9.59 -8.01 -24.60
N GLY B 175 10.01 -7.98 -23.35
CA GLY B 175 9.55 -6.92 -22.46
C GLY B 175 10.00 -5.55 -22.91
N LEU B 176 11.20 -5.48 -23.49
CA LEU B 176 11.67 -4.22 -24.05
C LEU B 176 10.77 -3.78 -25.19
N ALA B 177 10.48 -4.69 -26.12
CA ALA B 177 9.66 -4.32 -27.27
C ALA B 177 8.26 -3.88 -26.83
N LEU B 178 7.69 -4.60 -25.88
CA LEU B 178 6.41 -4.20 -25.29
C LEU B 178 6.46 -2.78 -24.74
N ASN B 179 7.44 -2.49 -23.91
CA ASN B 179 7.53 -1.16 -23.32
C ASN B 179 7.81 -0.10 -24.38
N PHE B 180 8.63 -0.44 -25.38
CA PHE B 180 8.89 0.52 -26.44
C PHE B 180 7.61 0.79 -27.24
N SER B 181 6.78 -0.24 -27.45
CA SER B 181 5.54 -0.01 -28.18
C SER B 181 4.58 0.84 -27.36
N VAL B 182 4.57 0.65 -26.03
CA VAL B 182 3.80 1.54 -25.17
C VAL B 182 4.33 2.97 -25.27
N PHE B 183 5.65 3.13 -25.22
CA PHE B 183 6.24 4.45 -25.43
C PHE B 183 5.76 5.07 -26.73
N HIS B 184 5.81 4.32 -27.83
CA HIS B 184 5.33 4.84 -29.11
C HIS B 184 3.89 5.32 -28.99
N TYR B 185 3.03 4.51 -28.37
CA TYR B 185 1.60 4.84 -28.35
C TYR B 185 1.29 5.97 -27.38
N GLU B 186 1.76 5.83 -26.15
CA GLU B 186 1.35 6.74 -25.10
C GLU B 186 2.18 8.00 -25.06
N ILE B 187 3.46 7.92 -25.37
CA ILE B 187 4.38 9.06 -25.19
C ILE B 187 4.61 9.79 -26.48
N ALA B 188 5.05 9.07 -27.51
CA ALA B 188 5.44 9.65 -28.77
C ALA B 188 4.28 9.88 -29.71
N ASN B 189 3.07 9.51 -29.30
CA ASN B 189 1.87 9.67 -30.13
C ASN B 189 2.14 9.16 -31.55
N SER B 190 2.60 7.92 -31.63
CA SER B 190 2.85 7.22 -32.90
C SER B 190 2.07 5.92 -32.85
N PRO B 191 0.74 5.97 -32.94
CA PRO B 191 -0.06 4.75 -32.73
C PRO B 191 0.24 3.66 -33.74
N GLU B 192 0.42 3.98 -35.02
CA GLU B 192 0.70 2.95 -36.01
CA GLU B 192 0.69 2.93 -36.00
C GLU B 192 2.03 2.26 -35.73
N GLU B 193 3.04 3.03 -35.34
CA GLU B 193 4.33 2.46 -34.99
C GLU B 193 4.22 1.55 -33.76
N ALA B 194 3.43 1.94 -32.77
CA ALA B 194 3.24 1.10 -31.61
C ALA B 194 2.57 -0.22 -31.98
N ILE B 195 1.53 -0.14 -32.80
CA ILE B 195 0.82 -1.35 -33.21
C ILE B 195 1.73 -2.25 -34.05
N SER B 196 2.53 -1.65 -34.94
CA SER B 196 3.42 -2.44 -35.79
C SER B 196 4.45 -3.19 -34.97
N LEU B 197 5.05 -2.50 -33.99
CA LEU B 197 6.08 -3.13 -33.17
C LEU B 197 5.49 -4.27 -32.36
N ALA B 198 4.33 -4.03 -31.75
CA ALA B 198 3.68 -5.06 -30.94
C ALA B 198 3.33 -6.27 -31.80
N LYS B 199 2.78 -6.04 -32.99
CA LYS B 199 2.41 -7.16 -33.87
C LYS B 199 3.64 -7.90 -34.33
N THR B 200 4.67 -7.17 -34.77
CA THR B 200 5.90 -7.82 -35.23
C THR B 200 6.56 -8.58 -34.08
N THR B 201 6.63 -7.97 -32.91
CA THR B 201 7.19 -8.66 -31.75
C THR B 201 6.39 -9.93 -31.45
N PHE B 202 5.07 -9.82 -31.46
CA PHE B 202 4.26 -10.99 -31.14
C PHE B 202 4.44 -12.08 -32.19
N ASP B 203 4.37 -11.70 -33.47
CA ASP B 203 4.43 -12.70 -34.55
C ASP B 203 5.79 -13.38 -34.61
N GLU B 204 6.87 -12.64 -34.38
CA GLU B 204 8.19 -13.25 -34.44
C GLU B 204 8.42 -14.18 -33.26
N ALA B 205 7.89 -13.83 -32.08
CA ALA B 205 8.02 -14.75 -30.96
C ALA B 205 7.15 -15.98 -31.16
N MET B 206 5.92 -15.77 -31.65
CA MET B 206 5.02 -16.88 -31.87
C MET B 206 5.62 -17.90 -32.84
N ALA B 207 6.42 -17.43 -33.79
CA ALA B 207 7.05 -18.31 -34.76
C ALA B 207 8.20 -19.12 -34.16
N ASP B 208 8.70 -18.75 -33.00
CA ASP B 208 9.75 -19.51 -32.33
C ASP B 208 9.27 -20.20 -31.06
N LEU B 209 8.01 -19.98 -30.66
CA LEU B 209 7.57 -20.47 -29.36
C LEU B 209 7.79 -21.98 -29.21
N HIS B 210 7.73 -22.72 -30.32
CA HIS B 210 7.96 -24.15 -30.25
C HIS B 210 9.31 -24.47 -29.63
N THR B 211 10.31 -23.61 -29.86
CA THR B 211 11.63 -23.83 -29.29
C THR B 211 11.71 -23.32 -27.85
N LEU B 212 11.12 -22.16 -27.58
CA LEU B 212 11.27 -21.44 -26.32
C LEU B 212 11.56 -22.37 -25.16
N SER B 213 12.64 -22.10 -24.43
CA SER B 213 13.02 -22.94 -23.30
C SER B 213 12.00 -22.81 -22.18
N GLU B 214 11.78 -23.93 -21.48
CA GLU B 214 10.80 -23.94 -20.40
C GLU B 214 11.14 -22.94 -19.30
N ASP B 215 12.41 -22.56 -19.17
CA ASP B 215 12.79 -21.59 -18.15
C ASP B 215 12.15 -20.23 -18.42
N SER B 216 11.99 -19.86 -19.68
CA SER B 216 11.43 -18.57 -20.07
C SER B 216 9.99 -18.67 -20.57
N TYR B 217 9.45 -19.89 -20.66
CA TYR B 217 8.09 -20.08 -21.18
C TYR B 217 7.11 -19.08 -20.58
N LYS B 218 6.97 -19.12 -19.26
CA LYS B 218 5.98 -18.28 -18.58
C LYS B 218 6.26 -16.80 -18.80
N ASP B 219 7.50 -16.38 -18.55
CA ASP B 219 7.84 -14.97 -18.68
C ASP B 219 7.53 -14.46 -20.08
N SER B 220 8.05 -15.15 -21.10
CA SER B 220 7.78 -14.76 -22.47
C SER B 220 6.30 -14.85 -22.80
N THR B 221 5.66 -15.94 -22.37
CA THR B 221 4.24 -16.12 -22.61
C THR B 221 3.45 -14.96 -22.02
N LEU B 222 3.73 -14.59 -20.77
CA LEU B 222 3.01 -13.48 -20.16
C LEU B 222 3.18 -12.22 -20.99
N ILE B 223 4.41 -11.92 -21.41
CA ILE B 223 4.62 -10.71 -22.19
C ILE B 223 3.86 -10.82 -23.50
N MET B 224 3.89 -12.00 -24.11
CA MET B 224 3.13 -12.19 -25.33
C MET B 224 1.64 -11.91 -25.10
N GLN B 225 1.10 -12.38 -23.97
CA GLN B 225 -0.28 -12.07 -23.62
C GLN B 225 -0.51 -10.56 -23.55
N LEU B 226 0.44 -9.84 -22.95
CA LEU B 226 0.28 -8.40 -22.82
C LEU B 226 0.36 -7.69 -24.16
N LEU B 227 1.24 -8.15 -25.06
CA LEU B 227 1.29 -7.57 -26.38
C LEU B 227 -0.07 -7.68 -27.07
N ARG B 228 -0.72 -8.83 -26.90
CA ARG B 228 -2.04 -9.03 -27.50
C ARG B 228 -3.07 -8.15 -26.84
N ASP B 229 -3.01 -8.02 -25.51
CA ASP B 229 -3.95 -7.14 -24.81
C ASP B 229 -3.86 -5.73 -25.36
N ASN B 230 -2.65 -5.19 -25.46
CA ASN B 230 -2.48 -3.85 -25.98
C ASN B 230 -2.96 -3.73 -27.42
N LEU B 231 -2.63 -4.72 -28.26
CA LEU B 231 -3.12 -4.69 -29.63
C LEU B 231 -4.64 -4.57 -29.64
N THR B 232 -5.31 -5.43 -28.87
CA THR B 232 -6.77 -5.38 -28.81
C THR B 232 -7.26 -4.03 -28.31
N LEU B 233 -6.58 -3.48 -27.31
CA LEU B 233 -6.94 -2.17 -26.79
C LEU B 233 -6.70 -1.09 -27.83
N TRP B 234 -5.66 -1.24 -28.64
CA TRP B 234 -5.23 -0.18 -29.54
C TRP B 234 -5.89 -0.26 -30.91
N THR B 235 -6.23 -1.45 -31.37
CA THR B 235 -6.83 -1.64 -32.69
C THR B 235 -8.34 -1.72 -32.65
N ALA B 236 -8.95 -1.34 -31.52
CA ALA B 236 -10.41 -1.42 -31.40
C ALA B 236 -11.08 -0.38 -32.29
N ASP B 237 -10.62 0.87 -32.21
CA ASP B 237 -11.21 1.97 -32.97
C ASP B 237 -12.74 1.99 -32.84
N MET C 1 -4.22 -20.96 16.55
CA MET C 1 -5.40 -20.10 16.41
C MET C 1 -5.08 -18.91 15.52
N ARG C 2 -5.85 -18.74 14.45
CA ARG C 2 -5.67 -17.60 13.57
C ARG C 2 -6.25 -16.33 14.19
N LYS C 3 -5.79 -15.19 13.70
CA LYS C 3 -6.26 -13.91 14.21
C LYS C 3 -7.75 -13.75 13.96
N ALA C 4 -8.45 -13.28 14.99
CA ALA C 4 -9.89 -13.07 14.91
C ALA C 4 -10.19 -11.83 14.09
N SER C 5 -11.46 -11.70 13.71
CA SER C 5 -11.93 -10.53 12.99
C SER C 5 -12.26 -9.38 13.94
N ALA C 7 -13.70 -5.08 14.09
CA ALA C 7 -14.66 -4.24 13.38
C ALA C 7 -14.13 -3.72 12.04
N PRO C 8 -14.98 -3.74 11.02
CA PRO C 8 -14.52 -3.37 9.68
C PRO C 8 -14.55 -1.87 9.46
N ALA C 9 -14.04 -1.48 8.29
CA ALA C 9 -14.12 -0.09 7.86
C ALA C 9 -15.57 0.27 7.55
N LEU C 10 -16.06 1.34 8.18
CA LEU C 10 -17.44 1.76 8.00
C LEU C 10 -17.55 2.85 6.93
N MET D 1 -7.89 6.16 -24.38
CA MET D 1 -7.49 4.78 -24.13
C MET D 1 -7.08 4.58 -22.67
N ARG D 2 -7.41 3.41 -22.12
CA ARG D 2 -6.91 3.08 -20.79
C ARG D 2 -5.42 2.80 -20.84
N LYS D 3 -4.77 2.92 -19.69
CA LYS D 3 -3.33 2.69 -19.59
C LYS D 3 -2.97 1.35 -20.23
N ALA D 4 -2.06 1.40 -21.20
CA ALA D 4 -1.59 0.16 -21.81
C ALA D 4 -0.84 -0.66 -20.78
N SER D 5 -0.80 -1.97 -21.00
CA SER D 5 -0.01 -2.86 -20.17
C SER D 5 1.47 -2.81 -20.57
N ALA D 7 5.69 -4.19 -19.29
CA ALA D 7 6.35 -5.42 -18.89
C ALA D 7 6.21 -5.62 -17.39
N PRO D 8 5.88 -6.83 -16.95
CA PRO D 8 5.75 -7.11 -15.53
C PRO D 8 7.10 -7.45 -14.90
N ALA D 9 7.08 -7.51 -13.58
CA ALA D 9 8.22 -8.00 -12.81
C ALA D 9 8.67 -9.37 -13.28
N LEU D 10 9.99 -9.51 -13.47
CA LEU D 10 10.59 -10.77 -13.90
C LEU D 10 10.32 -11.00 -15.39
#